data_6JPM
#
_entry.id   6JPM
#
_cell.length_a   135.745
_cell.length_b   135.745
_cell.length_c   29.730
_cell.angle_alpha   90.00
_cell.angle_beta   90.00
_cell.angle_gamma   90.00
#
_symmetry.space_group_name_H-M   'I 41'
#
loop_
_entity.id
_entity.type
_entity.pdbx_description
1 polymer 'Odorant binding protein 4'
2 water water
#
_entity_poly.entity_id   1
_entity_poly.type   'polypeptide(L)'
_entity_poly.pdbx_seq_one_letter_code
;MLTEAQMASTANLMRKMCQPKTKVTDEQINNFHKGVFDDDKKMMCYMNCILETMKIIKNGKLDMSAVEQQMPTLPKKYQE
STKKSIEECKSADTGDKCEPAYNFAKCLYLSNPEMYFLP
;
_entity_poly.pdbx_strand_id   A,B
#
# COMPACT_ATOMS: atom_id res chain seq x y z
N MET A 1 16.31 -6.68 0.51
CA MET A 1 15.93 -6.66 -0.89
C MET A 1 14.49 -7.11 -1.07
N LEU A 2 13.77 -6.41 -1.94
CA LEU A 2 12.39 -6.77 -2.25
C LEU A 2 12.34 -7.70 -3.45
N THR A 3 11.36 -8.59 -3.45
CA THR A 3 11.07 -9.38 -4.64
C THR A 3 10.24 -8.54 -5.61
N GLU A 4 10.23 -8.98 -6.87
CA GLU A 4 9.42 -8.27 -7.86
C GLU A 4 7.93 -8.35 -7.53
N ALA A 5 7.50 -9.45 -6.91
CA ALA A 5 6.09 -9.60 -6.58
C ALA A 5 5.68 -8.62 -5.48
N GLN A 6 6.56 -8.38 -4.51
CA GLN A 6 6.26 -7.38 -3.49
C GLN A 6 6.24 -5.99 -4.09
N MET A 7 7.10 -5.72 -5.06
CA MET A 7 7.11 -4.44 -5.75
C MET A 7 5.81 -4.21 -6.52
N ALA A 8 5.36 -5.22 -7.26
CA ALA A 8 4.10 -5.07 -8.00
C ALA A 8 2.93 -4.95 -7.03
N SER A 9 2.98 -5.66 -5.91
CA SER A 9 1.89 -5.59 -4.94
C SER A 9 1.86 -4.22 -4.25
N THR A 10 3.02 -3.72 -3.83
CA THR A 10 3.04 -2.39 -3.24
C THR A 10 2.67 -1.32 -4.26
N ALA A 11 3.07 -1.50 -5.51
CA ALA A 11 2.68 -0.56 -6.56
C ALA A 11 1.16 -0.54 -6.73
N ASN A 12 0.53 -1.71 -6.72
CA ASN A 12 -0.92 -1.77 -6.86
C ASN A 12 -1.63 -1.08 -5.69
N LEU A 13 -1.09 -1.23 -4.48
CA LEU A 13 -1.70 -0.60 -3.33
C LEU A 13 -1.55 0.93 -3.39
N MET A 14 -0.41 1.42 -3.88
CA MET A 14 -0.25 2.86 -4.03
C MET A 14 -1.22 3.40 -5.09
N ARG A 15 -1.43 2.65 -6.16
CA ARG A 15 -2.37 3.11 -7.17
C ARG A 15 -3.78 3.19 -6.59
N LYS A 16 -4.18 2.17 -5.85
CA LYS A 16 -5.51 2.13 -5.23
C LYS A 16 -5.75 3.33 -4.33
N MET A 17 -4.69 3.83 -3.68
CA MET A 17 -4.87 5.03 -2.87
C MET A 17 -4.85 6.30 -3.73
N CYS A 18 -3.91 6.40 -4.67
CA CYS A 18 -3.69 7.68 -5.37
C CYS A 18 -4.67 7.93 -6.50
N GLN A 19 -5.19 6.88 -7.14
CA GLN A 19 -6.10 7.14 -8.26
C GLN A 19 -7.40 7.79 -7.80
N PRO A 20 -8.11 7.29 -6.79
CA PRO A 20 -9.33 7.99 -6.33
C PRO A 20 -9.06 9.37 -5.79
N LYS A 21 -7.87 9.63 -5.25
CA LYS A 21 -7.57 10.94 -4.70
C LYS A 21 -7.40 12.00 -5.78
N THR A 22 -7.01 11.57 -6.96
CA THR A 22 -6.70 12.50 -8.06
C THR A 22 -7.69 12.42 -9.22
N LYS A 23 -8.46 11.33 -9.31
CA LYS A 23 -9.43 11.07 -10.38
C LYS A 23 -8.76 10.93 -11.75
N VAL A 24 -7.48 10.59 -11.78
CA VAL A 24 -6.87 10.18 -13.04
C VAL A 24 -7.63 8.96 -13.55
N THR A 25 -7.77 8.84 -14.87
CA THR A 25 -8.51 7.71 -15.42
C THR A 25 -7.58 6.52 -15.67
N ASP A 26 -8.18 5.34 -15.81
CA ASP A 26 -7.42 4.13 -16.17
C ASP A 26 -6.67 4.33 -17.48
N GLU A 27 -7.33 4.91 -18.48
CA GLU A 27 -6.65 5.12 -19.76
C GLU A 27 -5.48 6.09 -19.65
N GLN A 28 -5.63 7.14 -18.83
CA GLN A 28 -4.51 8.06 -18.63
C GLN A 28 -3.31 7.35 -18.04
N ILE A 29 -3.53 6.49 -17.04
CA ILE A 29 -2.44 5.71 -16.45
C ILE A 29 -1.84 4.76 -17.47
N ASN A 30 -2.72 4.06 -18.23
CA ASN A 30 -2.25 3.11 -19.23
C ASN A 30 -1.46 3.81 -20.34
N ASN A 31 -1.95 4.96 -20.82
CA ASN A 31 -1.18 5.76 -21.76
C ASN A 31 0.20 6.09 -21.21
N PHE A 32 0.27 6.51 -19.95
CA PHE A 32 1.56 6.92 -19.40
C PHE A 32 2.58 5.79 -19.46
N HIS A 33 2.16 4.57 -19.13
CA HIS A 33 3.07 3.42 -19.15
C HIS A 33 3.44 2.98 -20.55
N LYS A 34 2.86 3.59 -21.59
CA LYS A 34 3.28 3.37 -22.97
C LYS A 34 3.90 4.62 -23.56
N GLY A 35 4.37 5.55 -22.73
CA GLY A 35 5.04 6.72 -23.27
C GLY A 35 4.14 7.75 -23.92
N VAL A 36 2.86 7.73 -23.62
CA VAL A 36 1.93 8.74 -24.10
C VAL A 36 1.57 9.59 -22.90
N PHE A 37 2.07 10.82 -22.89
CA PHE A 37 2.09 11.66 -21.69
C PHE A 37 1.01 12.73 -21.81
N ASP A 38 -0.02 12.60 -21.00
CA ASP A 38 -1.15 13.51 -20.93
C ASP A 38 -0.83 14.52 -19.82
N ASP A 39 -0.57 15.78 -20.20
CA ASP A 39 -0.23 16.74 -19.15
C ASP A 39 -1.46 17.26 -18.42
N ASP A 40 -2.59 16.54 -18.52
CA ASP A 40 -3.75 16.88 -17.71
C ASP A 40 -3.38 16.87 -16.24
N LYS A 41 -3.89 17.83 -15.48
CA LYS A 41 -3.60 17.99 -14.04
C LYS A 41 -3.84 16.70 -13.25
N LYS A 42 -4.84 15.90 -13.60
CA LYS A 42 -5.13 14.64 -12.88
C LYS A 42 -3.96 13.65 -13.04
N MET A 43 -3.43 13.51 -14.22
CA MET A 43 -2.28 12.62 -14.46
C MET A 43 -1.07 13.16 -13.67
N MET A 44 -0.86 14.47 -13.72
CA MET A 44 0.26 15.15 -13.02
C MET A 44 0.14 14.95 -11.51
N CYS A 45 -1.04 15.17 -10.97
CA CYS A 45 -1.26 15.03 -9.52
C CYS A 45 -1.17 13.57 -9.10
N TYR A 46 -1.55 12.65 -9.98
CA TYR A 46 -1.41 11.21 -9.68
C TYR A 46 0.08 10.88 -9.50
N MET A 47 0.91 11.30 -10.45
CA MET A 47 2.37 11.07 -10.36
C MET A 47 2.95 11.72 -9.09
N ASN A 48 2.49 12.91 -8.75
CA ASN A 48 2.92 13.59 -7.51
C ASN A 48 2.55 12.73 -6.29
N CYS A 49 1.31 12.27 -6.26
CA CYS A 49 0.79 11.41 -5.19
C CYS A 49 1.64 10.15 -5.10
N ILE A 50 1.92 9.49 -6.21
CA ILE A 50 2.68 8.25 -6.19
C ILE A 50 4.08 8.51 -5.63
N LEU A 51 4.78 9.50 -6.18
CA LEU A 51 6.16 9.75 -5.78
C LEU A 51 6.26 10.36 -4.39
N GLU A 52 5.25 11.11 -3.95
CA GLU A 52 5.22 11.51 -2.55
C GLU A 52 5.04 10.29 -1.65
N THR A 53 4.15 9.38 -2.03
CA THR A 53 3.93 8.16 -1.24
C THR A 53 5.18 7.30 -1.19
N MET A 54 5.95 7.25 -2.26
CA MET A 54 7.23 6.55 -2.24
C MET A 54 8.31 7.32 -1.50
N LYS A 55 8.03 8.56 -1.08
CA LYS A 55 8.96 9.47 -0.41
C LYS A 55 10.09 9.94 -1.32
N ILE A 56 10.00 9.67 -2.62
CA ILE A 56 11.01 10.11 -3.58
C ILE A 56 10.86 11.60 -3.90
N ILE A 57 9.63 12.11 -3.90
CA ILE A 57 9.36 13.53 -4.13
C ILE A 57 8.83 14.14 -2.84
N LYS A 58 9.40 15.28 -2.45
CA LYS A 58 8.95 15.97 -1.25
C LYS A 58 8.87 17.45 -1.57
N ASN A 59 7.68 18.04 -1.41
CA ASN A 59 7.48 19.45 -1.72
C ASN A 59 7.96 19.76 -3.14
N GLY A 60 7.65 18.88 -4.07
CA GLY A 60 7.99 19.15 -5.45
C GLY A 60 9.46 18.99 -5.80
N LYS A 61 10.23 18.36 -4.95
CA LYS A 61 11.68 18.21 -5.20
C LYS A 61 12.18 16.80 -4.91
N LEU A 62 13.03 16.30 -5.77
CA LEU A 62 13.65 14.97 -5.63
C LEU A 62 14.43 14.92 -4.32
N ASP A 63 14.12 13.95 -3.48
CA ASP A 63 14.81 13.77 -2.19
C ASP A 63 15.90 12.74 -2.42
N MET A 64 17.11 13.19 -2.76
CA MET A 64 18.21 12.28 -3.04
C MET A 64 18.54 11.38 -1.85
N SER A 65 18.14 11.76 -0.63
CA SER A 65 18.35 10.88 0.52
C SER A 65 17.46 9.66 0.45
N ALA A 66 16.15 9.87 0.23
CA ALA A 66 15.23 8.76 0.06
C ALA A 66 15.65 7.87 -1.11
N VAL A 67 16.18 8.47 -2.18
CA VAL A 67 16.63 7.68 -3.32
C VAL A 67 17.73 6.72 -2.89
N GLU A 68 18.64 7.17 -2.04
CA GLU A 68 19.78 6.33 -1.66
C GLU A 68 19.39 5.25 -0.67
N GLN A 69 18.49 5.53 0.27
CA GLN A 69 18.05 4.49 1.19
C GLN A 69 17.37 3.35 0.45
N GLN A 70 16.63 3.65 -0.61
CA GLN A 70 15.74 2.68 -1.21
C GLN A 70 16.39 1.89 -2.36
N MET A 71 17.45 2.41 -2.96
CA MET A 71 18.21 1.63 -3.93
C MET A 71 18.58 0.23 -3.47
N PRO A 72 19.04 0.00 -2.24
CA PRO A 72 19.32 -1.38 -1.82
C PRO A 72 18.08 -2.24 -1.60
N THR A 73 16.87 -1.68 -1.59
CA THR A 73 15.68 -2.52 -1.53
C THR A 73 15.22 -2.99 -2.89
N LEU A 74 15.83 -2.49 -3.97
CA LEU A 74 15.40 -2.84 -5.32
C LEU A 74 15.90 -4.23 -5.70
N PRO A 75 15.10 -5.01 -6.42
CA PRO A 75 15.63 -6.23 -7.05
C PRO A 75 16.82 -5.86 -7.92
N LYS A 76 17.84 -6.71 -7.89
CA LYS A 76 19.09 -6.39 -8.59
C LYS A 76 18.85 -6.13 -10.07
N LYS A 77 17.81 -6.70 -10.65
CA LYS A 77 17.60 -6.45 -12.08
C LYS A 77 17.20 -4.99 -12.33
N TYR A 78 16.79 -4.26 -11.30
CA TYR A 78 16.36 -2.86 -11.46
C TYR A 78 17.44 -1.93 -10.93
N GLN A 79 18.32 -2.45 -10.10
CA GLN A 79 19.36 -1.61 -9.45
C GLN A 79 20.17 -0.79 -10.45
N GLU A 80 20.70 -1.42 -11.47
CA GLU A 80 21.57 -0.67 -12.40
C GLU A 80 20.75 0.30 -13.23
N SER A 81 19.59 -0.12 -13.73
CA SER A 81 18.75 0.75 -14.58
C SER A 81 18.24 1.94 -13.78
N THR A 82 17.95 1.76 -12.51
CA THR A 82 17.44 2.87 -11.68
C THR A 82 18.54 3.91 -11.46
N LYS A 83 19.73 3.46 -11.12
CA LYS A 83 20.87 4.37 -10.87
C LYS A 83 21.09 5.23 -12.10
N LYS A 84 21.15 4.62 -13.28
CA LYS A 84 21.37 5.38 -14.53
C LYS A 84 20.23 6.36 -14.77
N SER A 85 18.99 5.94 -14.52
CA SER A 85 17.87 6.82 -14.79
C SER A 85 17.83 8.01 -13.81
N ILE A 86 18.11 7.76 -12.53
CA ILE A 86 18.13 8.86 -11.56
C ILE A 86 19.25 9.84 -11.88
N GLU A 87 20.44 9.33 -12.21
CA GLU A 87 21.54 10.20 -12.61
C GLU A 87 21.13 11.07 -13.79
N GLU A 88 20.45 10.48 -14.77
CA GLU A 88 20.06 11.24 -15.95
C GLU A 88 18.92 12.21 -15.63
N CYS A 89 18.07 11.88 -14.67
CA CYS A 89 16.83 12.63 -14.45
C CYS A 89 16.82 13.45 -13.17
N LYS A 90 17.97 13.62 -12.50
CA LYS A 90 17.93 14.19 -11.16
C LYS A 90 17.66 15.69 -11.15
N SER A 91 17.66 16.35 -12.31
CA SER A 91 17.23 17.74 -12.41
C SER A 91 15.96 17.90 -13.24
N ALA A 92 15.28 16.81 -13.59
CA ALA A 92 14.04 16.91 -14.35
C ALA A 92 12.84 17.30 -13.48
N ASP A 93 13.03 17.48 -12.17
CA ASP A 93 11.92 17.82 -11.28
C ASP A 93 11.66 19.33 -11.31
N THR A 94 11.20 19.79 -12.45
CA THR A 94 10.95 21.22 -12.71
C THR A 94 9.47 21.58 -12.74
N GLY A 95 9.19 22.84 -12.51
CA GLY A 95 7.83 23.38 -12.56
C GLY A 95 7.20 23.63 -11.21
N ASP A 96 5.90 23.78 -11.24
CA ASP A 96 5.10 24.16 -10.06
C ASP A 96 4.14 23.05 -9.64
N LYS A 97 3.92 22.93 -8.35
CA LYS A 97 2.94 22.00 -7.76
C LYS A 97 3.14 20.54 -8.18
N CYS A 98 2.27 19.98 -9.00
CA CYS A 98 2.39 18.54 -9.37
C CYS A 98 3.35 18.36 -10.55
N GLU A 99 3.71 19.45 -11.23
CA GLU A 99 4.59 19.38 -12.42
C GLU A 99 5.94 18.69 -12.17
N PRO A 100 6.68 18.99 -11.10
CA PRO A 100 7.97 18.36 -10.89
C PRO A 100 7.90 16.83 -10.85
N ALA A 101 6.97 16.26 -10.11
CA ALA A 101 6.91 14.80 -10.08
C ALA A 101 6.52 14.22 -11.43
N TYR A 102 5.58 14.86 -12.11
CA TYR A 102 5.19 14.42 -13.45
C TYR A 102 6.36 14.51 -14.42
N ASN A 103 7.06 15.65 -14.42
CA ASN A 103 8.19 15.81 -15.34
C ASN A 103 9.31 14.84 -15.00
N PHE A 104 9.61 14.66 -13.71
CA PHE A 104 10.55 13.64 -13.29
C PHE A 104 10.14 12.26 -13.79
N ALA A 105 8.85 11.90 -13.65
CA ALA A 105 8.39 10.59 -14.09
C ALA A 105 8.54 10.40 -15.59
N LYS A 106 8.16 11.40 -16.38
CA LYS A 106 8.33 11.29 -17.83
C LYS A 106 9.79 11.03 -18.18
N CYS A 107 10.70 11.73 -17.48
CA CYS A 107 12.12 11.53 -17.74
C CYS A 107 12.53 10.11 -17.43
N LEU A 108 12.09 9.60 -16.27
CA LEU A 108 12.47 8.24 -15.87
C LEU A 108 12.03 7.23 -16.91
N TYR A 109 10.80 7.38 -17.41
CA TYR A 109 10.29 6.46 -18.43
C TYR A 109 11.14 6.53 -19.69
N LEU A 110 11.37 7.74 -20.20
CA LEU A 110 12.12 7.89 -21.44
C LEU A 110 13.58 7.46 -21.32
N SER A 111 14.14 7.47 -20.13
CA SER A 111 15.54 7.05 -19.99
C SER A 111 15.68 5.54 -20.17
N ASN A 112 14.61 4.80 -19.93
CA ASN A 112 14.64 3.32 -19.99
C ASN A 112 13.20 2.79 -19.97
N PRO A 113 12.45 2.84 -21.07
CA PRO A 113 11.08 2.40 -21.06
C PRO A 113 10.87 0.99 -20.52
N GLU A 114 11.76 0.07 -20.84
CA GLU A 114 11.59 -1.34 -20.44
C GLU A 114 11.73 -1.51 -18.94
N MET A 115 12.55 -0.71 -18.26
CA MET A 115 12.80 -0.90 -16.82
C MET A 115 11.98 0.05 -15.94
N TYR A 116 11.02 0.73 -16.52
CA TYR A 116 10.19 1.63 -15.73
C TYR A 116 9.20 0.81 -14.91
N PHE A 117 9.16 1.04 -13.60
CA PHE A 117 8.29 0.26 -12.74
C PHE A 117 7.36 1.08 -11.85
N LEU A 118 7.31 2.41 -12.01
CA LEU A 118 6.39 3.19 -11.21
C LEU A 118 4.95 2.76 -11.47
N PRO A 119 4.08 2.79 -10.45
CA PRO A 119 2.64 2.62 -10.70
C PRO A 119 2.02 3.80 -11.46
N MET B 1 9.92 -14.63 3.55
CA MET B 1 9.62 -13.97 4.82
C MET B 1 9.74 -12.46 4.73
N LEU B 2 8.84 -11.76 5.43
CA LEU B 2 8.85 -10.31 5.53
C LEU B 2 9.52 -9.88 6.83
N THR B 3 10.06 -8.66 6.80
CA THR B 3 10.54 -7.99 8.00
C THR B 3 9.42 -7.19 8.64
N GLU B 4 9.54 -6.98 9.97
CA GLU B 4 8.55 -6.18 10.68
C GLU B 4 8.46 -4.77 10.11
N ALA B 5 9.56 -4.26 9.56
CA ALA B 5 9.55 -2.92 8.99
C ALA B 5 8.71 -2.88 7.71
N GLN B 6 8.82 -3.91 6.87
CA GLN B 6 8.02 -3.96 5.66
C GLN B 6 6.54 -4.13 6.00
N MET B 7 6.24 -4.92 7.03
CA MET B 7 4.85 -5.09 7.47
C MET B 7 4.28 -3.76 7.95
N ALA B 8 5.04 -3.02 8.76
CA ALA B 8 4.56 -1.75 9.26
C ALA B 8 4.35 -0.77 8.12
N SER B 9 5.23 -0.80 7.11
CA SER B 9 5.09 0.09 5.97
C SER B 9 3.90 -0.28 5.10
N THR B 10 3.70 -1.58 4.86
CA THR B 10 2.52 -2.01 4.12
C THR B 10 1.25 -1.71 4.91
N ALA B 11 1.32 -1.85 6.23
CA ALA B 11 0.16 -1.53 7.07
C ALA B 11 -0.23 -0.07 6.94
N ASN B 12 0.76 0.83 7.05
CA ASN B 12 0.50 2.26 6.88
C ASN B 12 -0.09 2.56 5.51
N LEU B 13 0.46 1.95 4.47
CA LEU B 13 -0.08 2.13 3.13
C LEU B 13 -1.55 1.69 3.06
N MET B 14 -1.87 0.58 3.71
CA MET B 14 -3.24 0.04 3.68
C MET B 14 -4.19 0.99 4.39
N ARG B 15 -3.76 1.57 5.49
CA ARG B 15 -4.64 2.47 6.24
C ARG B 15 -4.87 3.77 5.46
N LYS B 16 -3.87 4.23 4.73
CA LYS B 16 -3.94 5.48 3.91
C LYS B 16 -4.97 5.33 2.80
N MET B 17 -5.10 4.12 2.28
CA MET B 17 -6.09 3.75 1.28
C MET B 17 -7.47 3.58 1.93
N CYS B 18 -7.56 2.78 2.97
CA CYS B 18 -8.87 2.44 3.61
C CYS B 18 -9.52 3.56 4.43
N GLN B 19 -8.77 4.34 5.17
CA GLN B 19 -9.31 5.42 6.05
C GLN B 19 -10.18 6.43 5.28
N PRO B 20 -9.69 7.12 4.24
CA PRO B 20 -10.50 8.08 3.51
C PRO B 20 -11.67 7.41 2.78
N LYS B 21 -11.49 6.19 2.32
CA LYS B 21 -12.58 5.47 1.64
C LYS B 21 -13.76 5.28 2.60
N THR B 22 -13.50 4.96 3.85
CA THR B 22 -14.58 4.64 4.82
C THR B 22 -14.90 5.80 5.74
N LYS B 23 -14.04 6.83 5.81
CA LYS B 23 -14.24 8.05 6.60
C LYS B 23 -14.22 7.76 8.09
N VAL B 24 -13.41 6.83 8.50
CA VAL B 24 -13.25 6.56 9.92
C VAL B 24 -12.23 7.55 10.50
N THR B 25 -12.38 7.92 11.78
CA THR B 25 -11.44 8.84 12.38
C THR B 25 -10.20 8.11 12.86
N ASP B 26 -9.12 8.89 13.06
CA ASP B 26 -7.92 8.36 13.69
C ASP B 26 -8.22 7.77 15.06
N GLU B 27 -9.07 8.45 15.85
CA GLU B 27 -9.35 7.96 17.19
C GLU B 27 -10.07 6.61 17.14
N GLN B 28 -10.98 6.44 16.18
CA GLN B 28 -11.66 5.15 16.05
C GLN B 28 -10.66 4.04 15.77
N ILE B 29 -9.74 4.28 14.84
CA ILE B 29 -8.74 3.29 14.49
C ILE B 29 -7.82 3.02 15.67
N ASN B 30 -7.39 4.09 16.36
CA ASN B 30 -6.53 3.93 17.53
C ASN B 30 -7.25 3.18 18.65
N ASN B 31 -8.52 3.51 18.89
CA ASN B 31 -9.31 2.78 19.88
C ASN B 31 -9.32 1.28 19.60
N PHE B 32 -9.55 0.91 18.34
CA PHE B 32 -9.62 -0.51 18.00
C PHE B 32 -8.36 -1.24 18.43
N HIS B 33 -7.20 -0.58 18.27
CA HIS B 33 -5.92 -1.18 18.62
C HIS B 33 -5.67 -1.24 20.12
N LYS B 34 -6.57 -0.69 20.93
CA LYS B 34 -6.51 -0.88 22.37
C LYS B 34 -7.61 -1.80 22.89
N GLY B 35 -8.45 -2.33 22.01
CA GLY B 35 -9.57 -3.14 22.47
C GLY B 35 -10.81 -2.35 22.81
N VAL B 36 -10.94 -1.15 22.26
CA VAL B 36 -12.03 -0.22 22.51
C VAL B 36 -12.84 -0.14 21.22
N PHE B 37 -14.03 -0.74 21.23
CA PHE B 37 -14.86 -0.88 20.05
C PHE B 37 -16.11 -0.01 20.19
N ASP B 38 -16.64 0.44 19.05
CA ASP B 38 -17.86 1.23 19.07
C ASP B 38 -18.93 0.67 18.15
N ASP B 39 -18.62 -0.38 17.39
CA ASP B 39 -19.56 -1.00 16.47
C ASP B 39 -20.13 0.02 15.47
N ASP B 40 -19.36 1.07 15.19
CA ASP B 40 -19.75 2.02 14.16
C ASP B 40 -19.56 1.38 12.78
N LYS B 41 -20.57 1.52 11.95
CA LYS B 41 -20.56 0.91 10.60
C LYS B 41 -19.34 1.31 9.80
N LYS B 42 -18.83 2.51 10.02
CA LYS B 42 -17.66 2.95 9.26
C LYS B 42 -16.42 2.16 9.67
N MET B 43 -16.24 1.95 10.97
CA MET B 43 -15.14 1.09 11.43
C MET B 43 -15.31 -0.33 10.93
N MET B 44 -16.55 -0.81 10.83
CA MET B 44 -16.77 -2.14 10.26
C MET B 44 -16.26 -2.18 8.83
N CYS B 45 -16.61 -1.17 8.02
CA CYS B 45 -16.19 -1.20 6.63
C CYS B 45 -14.71 -0.86 6.49
N TYR B 46 -14.15 -0.19 7.48
CA TYR B 46 -12.68 0.03 7.45
C TYR B 46 -11.98 -1.32 7.60
N MET B 47 -12.38 -2.12 8.57
CA MET B 47 -11.76 -3.43 8.78
C MET B 47 -12.02 -4.36 7.60
N ASN B 48 -13.19 -4.21 6.97
CA ASN B 48 -13.44 -4.99 5.76
C ASN B 48 -12.48 -4.58 4.64
N CYS B 49 -12.34 -3.28 4.44
CA CYS B 49 -11.40 -2.76 3.41
C CYS B 49 -10.01 -3.32 3.71
N ILE B 50 -9.56 -3.21 4.93
CA ILE B 50 -8.22 -3.72 5.31
C ILE B 50 -8.11 -5.22 5.03
N LEU B 51 -9.06 -6.00 5.49
CA LEU B 51 -8.90 -7.45 5.36
C LEU B 51 -9.17 -7.93 3.94
N GLU B 52 -10.03 -7.25 3.18
CA GLU B 52 -10.14 -7.55 1.75
C GLU B 52 -8.85 -7.21 1.01
N THR B 53 -8.22 -6.11 1.39
CA THR B 53 -6.94 -5.70 0.76
C THR B 53 -5.91 -6.77 1.02
N MET B 54 -5.86 -7.28 2.24
CA MET B 54 -4.94 -8.36 2.60
C MET B 54 -5.34 -9.68 1.97
N LYS B 55 -6.50 -9.75 1.31
CA LYS B 55 -7.04 -10.96 0.70
C LYS B 55 -7.40 -12.02 1.73
N ILE B 56 -7.52 -11.64 3.00
CA ILE B 56 -7.90 -12.59 4.04
C ILE B 56 -9.41 -12.77 4.09
N ILE B 57 -10.17 -11.70 3.83
CA ILE B 57 -11.62 -11.74 3.77
C ILE B 57 -12.02 -11.54 2.31
N LYS B 58 -12.98 -12.33 1.85
CA LYS B 58 -13.45 -12.22 0.47
C LYS B 58 -14.94 -12.46 0.46
N ASN B 59 -15.71 -11.47 0.01
CA ASN B 59 -17.17 -11.55 0.03
C ASN B 59 -17.68 -11.88 1.43
N GLY B 60 -17.05 -11.30 2.44
CA GLY B 60 -17.50 -11.45 3.80
C GLY B 60 -17.17 -12.78 4.43
N LYS B 61 -16.30 -13.55 3.83
CA LYS B 61 -15.98 -14.88 4.38
C LYS B 61 -14.48 -15.04 4.45
N LEU B 62 -14.00 -15.59 5.56
CA LEU B 62 -12.57 -15.84 5.80
C LEU B 62 -12.05 -16.81 4.74
N ASP B 63 -10.97 -16.44 4.07
CA ASP B 63 -10.39 -17.26 2.98
C ASP B 63 -9.23 -18.05 3.54
N MET B 64 -9.52 -19.26 3.99
CA MET B 64 -8.49 -20.10 4.59
C MET B 64 -7.34 -20.40 3.63
N SER B 65 -7.59 -20.39 2.32
CA SER B 65 -6.49 -20.55 1.37
C SER B 65 -5.49 -19.41 1.49
N ALA B 66 -5.99 -18.17 1.50
CA ALA B 66 -5.11 -17.02 1.61
C ALA B 66 -4.41 -16.98 2.97
N VAL B 67 -5.14 -17.32 4.04
CA VAL B 67 -4.50 -17.41 5.35
C VAL B 67 -3.31 -18.35 5.30
N GLU B 68 -3.44 -19.47 4.59
CA GLU B 68 -2.35 -20.45 4.54
C GLU B 68 -1.20 -19.97 3.68
N GLN B 69 -1.48 -19.33 2.54
CA GLN B 69 -0.39 -18.82 1.69
C GLN B 69 0.47 -17.84 2.46
N GLN B 70 -0.14 -17.01 3.30
CA GLN B 70 0.54 -15.85 3.86
C GLN B 70 1.14 -16.11 5.24
N MET B 71 0.82 -17.23 5.87
CA MET B 71 1.51 -17.61 7.10
C MET B 71 3.03 -17.68 6.93
N PRO B 72 3.58 -18.28 5.87
CA PRO B 72 5.05 -18.26 5.73
C PRO B 72 5.66 -16.90 5.43
N THR B 73 4.87 -15.92 4.99
CA THR B 73 5.42 -14.58 4.82
C THR B 73 5.47 -13.79 6.11
N LEU B 74 4.84 -14.30 7.18
CA LEU B 74 4.86 -13.60 8.45
C LEU B 74 6.27 -13.63 9.04
N PRO B 75 6.69 -12.56 9.71
CA PRO B 75 7.89 -12.65 10.56
C PRO B 75 7.75 -13.80 11.56
N LYS B 76 8.89 -14.35 11.98
CA LYS B 76 8.87 -15.58 12.77
C LYS B 76 8.17 -15.36 14.11
N LYS B 77 8.35 -14.18 14.71
CA LYS B 77 7.77 -13.94 16.03
C LYS B 77 6.24 -13.86 16.00
N TYR B 78 5.64 -13.77 14.81
CA TYR B 78 4.19 -13.70 14.70
C TYR B 78 3.54 -15.00 14.25
N GLN B 79 4.30 -15.92 13.65
CA GLN B 79 3.69 -17.08 12.99
C GLN B 79 2.93 -17.95 13.97
N GLU B 80 3.43 -18.12 15.19
CA GLU B 80 2.74 -18.96 16.15
C GLU B 80 1.52 -18.24 16.73
N SER B 81 1.60 -16.93 16.92
CA SER B 81 0.52 -16.21 17.57
C SER B 81 -0.71 -16.11 16.67
N THR B 82 -0.53 -15.82 15.39
CA THR B 82 -1.68 -15.74 14.50
C THR B 82 -2.16 -17.12 14.06
N LYS B 83 -1.33 -18.16 14.16
CA LYS B 83 -1.84 -19.52 13.98
C LYS B 83 -2.81 -19.88 15.09
N LYS B 84 -2.43 -19.62 16.35
CA LYS B 84 -3.36 -19.83 17.46
C LYS B 84 -4.61 -18.97 17.31
N SER B 85 -4.40 -17.70 17.00
CA SER B 85 -5.53 -16.74 16.87
C SER B 85 -6.45 -17.19 15.74
N ILE B 86 -5.90 -17.69 14.65
CA ILE B 86 -6.80 -18.13 13.55
C ILE B 86 -7.56 -19.39 13.93
N GLU B 87 -6.94 -20.34 14.61
CA GLU B 87 -7.66 -21.57 15.02
C GLU B 87 -8.81 -21.16 15.93
N GLU B 88 -8.62 -20.09 16.69
CA GLU B 88 -9.63 -19.67 17.65
C GLU B 88 -10.71 -18.77 17.04
N CYS B 89 -10.44 -18.18 15.88
CA CYS B 89 -11.35 -17.18 15.31
C CYS B 89 -11.89 -17.56 13.95
N LYS B 90 -11.61 -18.77 13.45
CA LYS B 90 -11.95 -19.13 12.08
C LYS B 90 -13.45 -19.14 11.81
N SER B 91 -14.27 -19.08 12.86
CA SER B 91 -15.73 -19.00 12.73
C SER B 91 -16.30 -17.68 13.22
N ALA B 92 -15.44 -16.68 13.48
CA ALA B 92 -15.93 -15.40 13.98
C ALA B 92 -16.36 -14.44 12.87
N ASP B 93 -16.34 -14.85 11.60
CA ASP B 93 -16.72 -13.98 10.50
C ASP B 93 -18.22 -14.07 10.26
N THR B 94 -18.97 -13.46 11.16
CA THR B 94 -20.43 -13.55 11.21
C THR B 94 -21.07 -12.21 10.85
N GLY B 95 -22.25 -12.29 10.24
CA GLY B 95 -23.06 -11.12 9.97
C GLY B 95 -23.12 -10.80 8.50
N ASP B 96 -23.50 -9.55 8.22
CA ASP B 96 -23.79 -9.10 6.86
C ASP B 96 -22.82 -8.00 6.44
N LYS B 97 -22.51 -7.98 5.15
CA LYS B 97 -21.71 -6.91 4.56
C LYS B 97 -20.35 -6.78 5.24
N CYS B 98 -20.11 -5.64 5.90
CA CYS B 98 -18.81 -5.41 6.54
C CYS B 98 -18.70 -6.07 7.91
N GLU B 99 -19.79 -6.54 8.49
CA GLU B 99 -19.74 -7.11 9.83
C GLU B 99 -18.81 -8.31 9.95
N PRO B 100 -18.80 -9.29 9.02
CA PRO B 100 -17.88 -10.43 9.20
C PRO B 100 -16.42 -10.04 9.43
N ALA B 101 -15.88 -9.15 8.61
CA ALA B 101 -14.48 -8.74 8.79
C ALA B 101 -14.28 -8.04 10.14
N TYR B 102 -15.26 -7.24 10.55
CA TYR B 102 -15.17 -6.50 11.82
C TYR B 102 -15.19 -7.44 13.02
N ASN B 103 -16.13 -8.40 13.01
CA ASN B 103 -16.19 -9.34 14.14
C ASN B 103 -14.98 -10.25 14.16
N PHE B 104 -14.48 -10.63 12.99
CA PHE B 104 -13.27 -11.44 12.92
C PHE B 104 -12.07 -10.70 13.50
N ALA B 105 -11.90 -9.42 13.13
CA ALA B 105 -10.80 -8.61 13.64
C ALA B 105 -10.90 -8.44 15.15
N LYS B 106 -12.11 -8.18 15.67
CA LYS B 106 -12.28 -8.10 17.11
C LYS B 106 -11.88 -9.41 17.79
N CYS B 107 -12.28 -10.54 17.21
CA CYS B 107 -11.85 -11.83 17.77
C CYS B 107 -10.33 -11.95 17.74
N LEU B 108 -9.72 -11.64 16.61
CA LEU B 108 -8.26 -11.73 16.49
C LEU B 108 -7.57 -10.91 17.56
N TYR B 109 -8.00 -9.67 17.73
CA TYR B 109 -7.43 -8.83 18.78
C TYR B 109 -7.58 -9.49 20.14
N LEU B 110 -8.81 -9.84 20.51
CA LEU B 110 -9.07 -10.35 21.87
C LEU B 110 -8.31 -11.65 22.13
N SER B 111 -8.07 -12.47 21.11
CA SER B 111 -7.36 -13.73 21.30
C SER B 111 -5.90 -13.52 21.68
N ASN B 112 -5.32 -12.38 21.30
CA ASN B 112 -3.92 -12.09 21.59
C ASN B 112 -3.65 -10.62 21.32
N PRO B 113 -4.01 -9.72 22.26
CA PRO B 113 -3.83 -8.28 21.99
C PRO B 113 -2.39 -7.90 21.70
N GLU B 114 -1.44 -8.51 22.43
CA GLU B 114 -0.04 -8.13 22.29
C GLU B 114 0.48 -8.41 20.89
N MET B 115 -0.04 -9.44 20.22
CA MET B 115 0.48 -9.87 18.92
C MET B 115 -0.39 -9.42 17.76
N TYR B 116 -1.32 -8.50 17.99
CA TYR B 116 -2.20 -7.99 16.94
C TYR B 116 -1.46 -6.94 16.12
N PHE B 117 -1.36 -7.17 14.81
CA PHE B 117 -0.62 -6.29 13.91
C PHE B 117 -1.46 -5.73 12.76
N LEU B 118 -2.77 -5.97 12.74
CA LEU B 118 -3.58 -5.41 11.67
C LEU B 118 -3.57 -3.87 11.73
N PRO B 119 -3.64 -3.21 10.57
CA PRO B 119 -3.73 -1.74 10.48
C PRO B 119 -5.02 -1.21 11.08
#